data_2RBP
#
_entry.id   2RBP
#
_cell.length_a   60.307
_cell.length_b   60.307
_cell.length_c   97.118
_cell.angle_alpha   90.000
_cell.angle_beta   90.000
_cell.angle_gamma   120.000
#
_symmetry.space_group_name_H-M   'P 32 2 1'
#
loop_
_entity.id
_entity.type
_entity.pdbx_description
1 polymer Lysozyme
2 non-polymer 'PHOSPHATE ION'
3 non-polymer 2-(propylsulfanyl)ethanol
4 water water
#
_entity_poly.entity_id   1
_entity_poly.type   'polypeptide(L)'
_entity_poly.pdbx_seq_one_letter_code
;MNIFEMLRIDEGLRLKIYKDTEGYYTIGIGHLLTKSPSLNAAKSELDKAIGRNCNGVITKDEAEKLFNQDVDAAVRGILR
NAKLKPVYDSLDAVRRCAAINQVFQMGETGVAGFTNSLRMLQQKRWDEAAVNLAKSRWYNQTPNRAKRVITTFRTGTWDA
YK
;
_entity_poly.pdbx_strand_id   A
#
# COMPACT_ATOMS: atom_id res chain seq x y z
N MET A 1 -4.17 -11.31 12.17
CA MET A 1 -3.89 -10.40 11.04
CA MET A 1 -3.92 -10.34 11.07
C MET A 1 -2.62 -9.57 11.29
N ASN A 2 -1.86 -9.35 10.23
CA ASN A 2 -0.68 -8.53 10.24
C ASN A 2 -0.59 -7.82 8.88
N ILE A 3 0.39 -6.95 8.73
CA ILE A 3 0.50 -6.14 7.51
C ILE A 3 0.63 -6.98 6.22
N PHE A 4 1.32 -8.11 6.31
CA PHE A 4 1.46 -8.96 5.12
C PHE A 4 0.13 -9.57 4.72
N GLU A 5 -0.61 -10.11 5.69
CA GLU A 5 -1.92 -10.69 5.42
CA GLU A 5 -1.91 -10.70 5.40
C GLU A 5 -2.90 -9.64 4.89
N MET A 6 -2.84 -8.45 5.48
CA MET A 6 -3.69 -7.33 5.08
C MET A 6 -3.46 -6.93 3.62
N LEU A 7 -2.19 -6.67 3.29
CA LEU A 7 -1.87 -6.29 1.92
C LEU A 7 -2.07 -7.42 0.91
N ARG A 8 -1.86 -8.67 1.34
CA ARG A 8 -2.16 -9.80 0.47
C ARG A 8 -3.64 -9.84 0.05
N ILE A 9 -4.52 -9.52 1.00
CA ILE A 9 -5.95 -9.41 0.68
C ILE A 9 -6.20 -8.27 -0.27
N ASP A 10 -5.62 -7.10 0.01
CA ASP A 10 -5.91 -5.92 -0.79
C ASP A 10 -5.30 -5.93 -2.19
N GLU A 11 -4.16 -6.59 -2.34
CA GLU A 11 -3.41 -6.57 -3.59
C GLU A 11 -3.56 -7.83 -4.43
N GLY A 12 -3.94 -8.94 -3.79
CA GLY A 12 -4.01 -10.23 -4.49
C GLY A 12 -2.63 -10.82 -4.74
N LEU A 13 -2.60 -11.94 -5.45
CA LEU A 13 -1.34 -12.56 -5.87
C LEU A 13 -1.54 -13.04 -7.30
N ARG A 14 -0.74 -12.50 -8.21
CA ARG A 14 -0.77 -12.93 -9.61
C ARG A 14 0.67 -13.14 -10.07
N LEU A 15 0.93 -14.27 -10.72
CA LEU A 15 2.31 -14.66 -11.04
C LEU A 15 2.77 -14.24 -12.44
N LYS A 16 1.83 -13.73 -13.24
CA LYS A 16 2.13 -13.22 -14.58
C LYS A 16 1.91 -11.73 -14.57
N ILE A 17 2.68 -11.00 -15.38
CA ILE A 17 2.49 -9.56 -15.52
C ILE A 17 1.02 -9.22 -15.79
N TYR A 18 0.48 -8.28 -15.02
CA TYR A 18 -0.90 -7.81 -15.19
C TYR A 18 -0.89 -6.29 -15.06
N LYS A 19 -2.02 -5.66 -15.39
CA LYS A 19 -2.17 -4.23 -15.17
C LYS A 19 -2.93 -3.98 -13.87
N ASP A 20 -2.41 -3.06 -13.06
CA ASP A 20 -3.06 -2.69 -11.80
C ASP A 20 -4.32 -1.84 -12.05
N THR A 21 -4.89 -1.30 -10.97
CA THR A 21 -6.15 -0.56 -11.06
C THR A 21 -6.00 0.70 -11.89
N GLU A 22 -4.76 1.19 -11.99
CA GLU A 22 -4.46 2.40 -12.75
C GLU A 22 -3.98 2.10 -14.18
N GLY A 23 -3.97 0.83 -14.56
CA GLY A 23 -3.52 0.42 -15.88
C GLY A 23 -2.02 0.20 -16.04
N TYR A 24 -1.29 0.12 -14.92
CA TYR A 24 0.17 0.02 -14.94
C TYR A 24 0.65 -1.41 -14.75
N TYR A 25 1.66 -1.81 -15.51
CA TYR A 25 2.22 -3.17 -15.42
C TYR A 25 2.77 -3.45 -14.03
N THR A 26 2.33 -4.58 -13.50
CA THR A 26 2.53 -5.00 -12.11
C THR A 26 2.69 -6.52 -12.09
N ILE A 27 3.25 -7.06 -11.01
CA ILE A 27 3.31 -8.50 -10.83
C ILE A 27 3.27 -8.85 -9.35
N GLY A 28 3.00 -10.12 -9.05
CA GLY A 28 3.07 -10.59 -7.68
C GLY A 28 1.97 -10.03 -6.80
N ILE A 29 2.39 -9.49 -5.66
CA ILE A 29 1.48 -8.90 -4.66
C ILE A 29 1.60 -7.37 -4.76
N GLY A 30 1.04 -6.81 -5.84
CA GLY A 30 1.08 -5.38 -6.07
C GLY A 30 2.47 -4.79 -6.27
N HIS A 31 3.37 -5.54 -6.90
CA HIS A 31 4.68 -4.97 -7.22
C HIS A 31 4.63 -4.21 -8.55
N LEU A 32 4.62 -2.89 -8.48
CA LEU A 32 4.61 -2.06 -9.68
C LEU A 32 5.93 -2.22 -10.43
N LEU A 33 5.83 -2.52 -11.71
CA LEU A 33 7.03 -2.67 -12.54
C LEU A 33 7.43 -1.37 -13.22
N THR A 34 6.45 -0.69 -13.79
CA THR A 34 6.70 0.56 -14.50
C THR A 34 5.37 1.24 -14.82
N LYS A 35 5.43 2.55 -15.06
CA LYS A 35 4.27 3.27 -15.56
C LYS A 35 4.26 3.35 -17.09
N SER A 36 5.31 2.81 -17.72
CA SER A 36 5.41 2.79 -19.18
C SER A 36 4.33 1.90 -19.79
N PRO A 37 3.72 2.34 -20.91
CA PRO A 37 2.77 1.48 -21.61
C PRO A 37 3.46 0.39 -22.45
N SER A 38 4.79 0.37 -22.47
CA SER A 38 5.52 -0.65 -23.22
C SER A 38 5.73 -1.92 -22.38
N LEU A 39 5.09 -3.00 -22.80
CA LEU A 39 5.23 -4.29 -22.11
C LEU A 39 6.69 -4.77 -22.05
N ASN A 40 7.47 -4.45 -23.08
CA ASN A 40 8.89 -4.81 -23.05
C ASN A 40 9.69 -4.08 -21.96
N ALA A 41 9.31 -2.83 -21.69
CA ALA A 41 9.92 -2.08 -20.59
C ALA A 41 9.58 -2.73 -19.25
N ALA A 42 8.34 -3.18 -19.10
CA ALA A 42 7.90 -3.90 -17.91
C ALA A 42 8.66 -5.21 -17.73
N LYS A 43 8.85 -5.96 -18.82
CA LYS A 43 9.60 -7.21 -18.78
C LYS A 43 11.06 -6.98 -18.40
N SER A 44 11.65 -5.90 -18.91
CA SER A 44 13.02 -5.55 -18.54
C SER A 44 13.11 -5.24 -17.04
N GLU A 45 12.15 -4.47 -16.53
CA GLU A 45 12.13 -4.16 -15.10
C GLU A 45 11.95 -5.43 -14.26
N LEU A 46 11.09 -6.33 -14.74
CA LEU A 46 10.88 -7.60 -14.04
C LEU A 46 12.17 -8.40 -13.92
N ASP A 47 12.84 -8.59 -15.06
CA ASP A 47 14.07 -9.38 -15.10
C ASP A 47 15.14 -8.78 -14.19
N LYS A 48 15.21 -7.46 -14.17
CA LYS A 48 16.15 -6.73 -13.29
C LYS A 48 15.79 -6.93 -11.81
N ALA A 49 14.50 -6.94 -11.50
CA ALA A 49 14.05 -7.09 -10.11
C ALA A 49 14.29 -8.50 -9.58
N ILE A 50 14.13 -9.50 -10.45
CA ILE A 50 14.26 -10.90 -10.06
C ILE A 50 15.68 -11.45 -10.22
N GLY A 51 16.43 -10.89 -11.16
CA GLY A 51 17.80 -11.33 -11.41
C GLY A 51 17.92 -12.51 -12.36
N ARG A 52 16.90 -12.71 -13.21
CA ARG A 52 16.92 -13.73 -14.26
C ARG A 52 15.95 -13.33 -15.35
N ASN A 53 16.04 -14.00 -16.51
CA ASN A 53 15.10 -13.78 -17.60
C ASN A 53 13.79 -14.52 -17.31
N CYS A 54 12.75 -13.77 -16.95
CA CYS A 54 11.50 -14.33 -16.45
C CYS A 54 10.46 -14.55 -17.53
N ASN A 55 10.62 -13.85 -18.65
CA ASN A 55 9.60 -13.79 -19.70
C ASN A 55 8.19 -13.57 -19.16
N GLY A 56 8.08 -12.63 -18.24
CA GLY A 56 6.80 -12.15 -17.74
C GLY A 56 6.13 -13.01 -16.69
N VAL A 57 6.84 -13.99 -16.15
CA VAL A 57 6.27 -14.93 -15.19
C VAL A 57 7.25 -15.18 -14.04
N ILE A 58 6.74 -15.20 -12.81
CA ILE A 58 7.55 -15.50 -11.62
C ILE A 58 6.90 -16.60 -10.76
N THR A 59 7.65 -17.09 -9.77
CA THR A 59 7.15 -18.08 -8.84
C THR A 59 6.54 -17.39 -7.61
N LYS A 60 5.82 -18.16 -6.79
CA LYS A 60 5.24 -17.62 -5.57
C LYS A 60 6.33 -17.12 -4.61
N ASP A 61 7.43 -17.87 -4.48
CA ASP A 61 8.56 -17.46 -3.65
CA ASP A 61 8.53 -17.44 -3.62
C ASP A 61 9.10 -16.11 -4.12
N GLU A 62 9.26 -15.97 -5.44
CA GLU A 62 9.76 -14.71 -6.00
C GLU A 62 8.81 -13.54 -5.71
N ALA A 63 7.51 -13.78 -5.88
CA ALA A 63 6.50 -12.75 -5.55
C ALA A 63 6.57 -12.36 -4.08
N GLU A 64 6.72 -13.33 -3.20
CA GLU A 64 6.79 -13.05 -1.78
C GLU A 64 8.09 -12.33 -1.41
N LYS A 65 9.16 -12.59 -2.16
CA LYS A 65 10.41 -11.86 -1.93
C LYS A 65 10.25 -10.38 -2.28
N LEU A 66 9.66 -10.08 -3.45
CA LEU A 66 9.38 -8.70 -3.82
C LEU A 66 8.49 -8.03 -2.77
N PHE A 67 7.50 -8.78 -2.27
CA PHE A 67 6.56 -8.26 -1.29
C PHE A 67 7.28 -7.89 0.01
N ASN A 68 8.19 -8.75 0.46
CA ASN A 68 9.01 -8.43 1.63
C ASN A 68 9.79 -7.14 1.42
N GLN A 69 10.44 -7.02 0.26
CA GLN A 69 11.19 -5.82 -0.06
C GLN A 69 10.30 -4.59 -0.10
N ASP A 70 9.12 -4.74 -0.69
CA ASP A 70 8.22 -3.60 -0.89
C ASP A 70 7.63 -3.11 0.43
N VAL A 71 7.30 -4.04 1.32
CA VAL A 71 6.78 -3.66 2.64
C VAL A 71 7.89 -2.97 3.44
N ASP A 72 9.08 -3.56 3.41
CA ASP A 72 10.23 -3.04 4.14
C ASP A 72 10.48 -1.62 3.66
N ALA A 73 10.58 -1.46 2.35
CA ALA A 73 10.79 -0.14 1.74
C ALA A 73 9.71 0.89 2.12
N ALA A 74 8.44 0.46 2.15
CA ALA A 74 7.32 1.35 2.54
C ALA A 74 7.50 1.88 3.97
N VAL A 75 7.80 0.96 4.90
CA VAL A 75 8.08 1.33 6.29
C VAL A 75 9.26 2.30 6.40
N ARG A 76 10.36 1.99 5.70
CA ARG A 76 11.53 2.84 5.81
CA ARG A 76 11.56 2.83 5.66
C ARG A 76 11.26 4.24 5.21
N GLY A 77 10.45 4.30 4.15
CA GLY A 77 10.03 5.57 3.56
C GLY A 77 9.31 6.41 4.61
N ILE A 78 8.35 5.80 5.30
CA ILE A 78 7.62 6.46 6.38
C ILE A 78 8.60 7.02 7.43
N LEU A 79 9.52 6.17 7.88
CA LEU A 79 10.44 6.57 8.95
C LEU A 79 11.41 7.68 8.56
N ARG A 80 11.70 7.80 7.26
CA ARG A 80 12.59 8.85 6.77
C ARG A 80 11.86 10.16 6.42
N ASN A 81 10.54 10.14 6.45
CA ASN A 81 9.75 11.28 6.02
C ASN A 81 9.33 12.15 7.20
N ALA A 82 9.75 13.40 7.20
CA ALA A 82 9.51 14.30 8.33
C ALA A 82 8.03 14.54 8.63
N LYS A 83 7.20 14.46 7.59
CA LYS A 83 5.75 14.62 7.75
C LYS A 83 5.05 13.34 8.23
N LEU A 84 5.55 12.19 7.79
CA LEU A 84 4.89 10.92 8.10
C LEU A 84 5.34 10.29 9.40
N LYS A 85 6.64 10.37 9.70
CA LYS A 85 7.18 9.69 10.89
C LYS A 85 6.45 10.01 12.20
N PRO A 86 6.28 11.32 12.53
CA PRO A 86 5.62 11.59 13.82
C PRO A 86 4.18 11.05 13.90
N VAL A 87 3.47 11.07 12.78
CA VAL A 87 2.11 10.53 12.78
C VAL A 87 2.14 9.01 12.94
N TYR A 88 2.98 8.34 12.15
CA TYR A 88 3.17 6.90 12.29
C TYR A 88 3.52 6.52 13.73
N ASP A 89 4.50 7.20 14.31
CA ASP A 89 4.94 6.87 15.66
C ASP A 89 3.86 7.13 16.71
N SER A 90 2.93 8.05 16.42
CA SER A 90 1.85 8.34 17.34
C SER A 90 0.78 7.24 17.39
N LEU A 91 0.74 6.43 16.34
CA LEU A 91 -0.30 5.41 16.19
C LEU A 91 -0.01 4.12 16.94
N ASP A 92 -1.08 3.40 17.27
CA ASP A 92 -1.03 2.02 17.76
C ASP A 92 -0.68 1.07 16.61
N ALA A 93 -0.34 -0.17 16.97
CA ALA A 93 0.09 -1.18 15.99
C ALA A 93 -0.87 -1.43 14.84
N VAL A 94 -2.17 -1.49 15.12
CA VAL A 94 -3.14 -1.81 14.05
C VAL A 94 -3.26 -0.61 13.08
N ARG A 95 -3.39 0.59 13.63
CA ARG A 95 -3.48 1.77 12.76
C ARG A 95 -2.17 1.99 11.98
N ARG A 96 -1.03 1.62 12.55
CA ARG A 96 0.23 1.66 11.81
C ARG A 96 0.14 0.80 10.55
N CYS A 97 -0.54 -0.35 10.64
CA CYS A 97 -0.73 -1.19 9.46
C CYS A 97 -1.56 -0.49 8.40
N ALA A 98 -2.59 0.25 8.82
CA ALA A 98 -3.38 1.01 7.85
C ALA A 98 -2.50 2.05 7.15
N ALA A 99 -1.61 2.69 7.91
CA ALA A 99 -0.70 3.68 7.35
C ALA A 99 0.23 3.07 6.31
N ILE A 100 0.79 1.90 6.64
CA ILE A 100 1.69 1.21 5.70
C ILE A 100 0.93 0.83 4.44
N ASN A 101 -0.30 0.35 4.61
CA ASN A 101 -1.15 -0.04 3.49
C ASN A 101 -1.36 1.13 2.52
N GLN A 102 -1.73 2.30 3.05
CA GLN A 102 -1.92 3.47 2.20
C GLN A 102 -0.64 3.90 1.48
N VAL A 103 0.49 3.88 2.18
CA VAL A 103 1.77 4.25 1.56
C VAL A 103 2.18 3.23 0.48
N PHE A 104 1.94 1.94 0.76
CA PHE A 104 2.19 0.88 -0.22
C PHE A 104 1.42 1.15 -1.53
N GLN A 105 0.15 1.52 -1.41
CA GLN A 105 -0.70 1.73 -2.58
C GLN A 105 -0.40 3.06 -3.30
N MET A 106 -0.26 4.13 -2.53
CA MET A 106 -0.22 5.47 -3.09
CA MET A 106 -0.23 5.51 -3.05
C MET A 106 1.18 6.08 -3.20
N GLY A 107 2.12 5.52 -2.45
CA GLY A 107 3.46 6.07 -2.40
C GLY A 107 3.58 7.10 -1.29
N GLU A 108 4.81 7.22 -0.79
CA GLU A 108 5.16 8.10 0.32
C GLU A 108 4.82 9.57 0.07
N THR A 109 5.17 10.09 -1.10
CA THR A 109 4.90 11.50 -1.42
C THR A 109 3.40 11.82 -1.43
N GLY A 110 2.61 10.91 -2.02
CA GLY A 110 1.16 11.05 -2.04
C GLY A 110 0.57 11.13 -0.64
N VAL A 111 0.92 10.17 0.21
CA VAL A 111 0.38 10.15 1.57
C VAL A 111 0.85 11.37 2.39
N ALA A 112 2.09 11.81 2.17
CA ALA A 112 2.62 12.97 2.89
C ALA A 112 1.84 14.25 2.58
N GLY A 113 1.07 14.21 1.49
CA GLY A 113 0.27 15.36 1.09
C GLY A 113 -1.11 15.41 1.72
N PHE A 114 -1.48 14.35 2.44
CA PHE A 114 -2.79 14.22 3.12
CA PHE A 114 -2.79 14.29 3.08
C PHE A 114 -2.75 15.02 4.44
N THR A 115 -2.44 16.31 4.36
CA THR A 115 -2.16 17.14 5.53
C THR A 115 -3.23 17.11 6.62
N ASN A 116 -4.49 17.28 6.23
CA ASN A 116 -5.55 17.37 7.22
C ASN A 116 -5.84 16.01 7.87
N SER A 117 -5.76 14.93 7.09
CA SER A 117 -5.95 13.58 7.62
CA SER A 117 -5.96 13.59 7.63
C SER A 117 -4.82 13.23 8.58
N LEU A 118 -3.59 13.57 8.20
CA LEU A 118 -2.42 13.33 9.05
C LEU A 118 -2.61 13.98 10.41
N ARG A 119 -3.04 15.25 10.40
CA ARG A 119 -3.23 16.00 11.64
C ARG A 119 -4.32 15.35 12.51
N MET A 120 -5.46 15.04 11.90
CA MET A 120 -6.56 14.42 12.65
C MET A 120 -6.17 13.06 13.23
N LEU A 121 -5.38 12.30 12.48
CA LEU A 121 -4.92 11.00 12.98
C LEU A 121 -3.97 11.18 14.15
N GLN A 122 -3.02 12.13 14.03
CA GLN A 122 -2.13 12.39 15.17
C GLN A 122 -2.91 12.85 16.41
N GLN A 123 -3.97 13.62 16.19
CA GLN A 123 -4.86 14.09 17.27
C GLN A 123 -5.77 12.99 17.81
N LYS A 124 -5.79 11.81 17.16
CA LYS A 124 -6.68 10.71 17.54
C LYS A 124 -8.17 11.08 17.46
N ARG A 125 -8.48 11.95 16.50
CA ARG A 125 -9.86 12.31 16.18
C ARG A 125 -10.35 11.35 15.10
N TRP A 126 -10.65 10.12 15.53
CA TRP A 126 -10.79 9.01 14.59
C TRP A 126 -11.94 9.14 13.61
N ASP A 127 -13.11 9.55 14.08
CA ASP A 127 -14.25 9.67 13.17
C ASP A 127 -14.03 10.80 12.17
N GLU A 128 -13.49 11.91 12.66
CA GLU A 128 -13.18 13.04 11.80
C GLU A 128 -12.13 12.68 10.74
N ALA A 129 -11.11 11.94 11.18
CA ALA A 129 -10.05 11.50 10.24
C ALA A 129 -10.65 10.61 9.17
N ALA A 130 -11.52 9.70 9.59
CA ALA A 130 -12.15 8.76 8.67
C ALA A 130 -13.00 9.48 7.61
N VAL A 131 -13.73 10.52 8.03
CA VAL A 131 -14.51 11.33 7.09
C VAL A 131 -13.58 12.03 6.11
N ASN A 132 -12.49 12.59 6.62
CA ASN A 132 -11.54 13.29 5.74
C ASN A 132 -10.84 12.37 4.73
N LEU A 133 -10.48 11.16 5.18
CA LEU A 133 -9.79 10.19 4.35
C LEU A 133 -10.62 9.82 3.12
N ALA A 134 -11.94 9.81 3.27
CA ALA A 134 -12.84 9.42 2.18
C ALA A 134 -13.07 10.51 1.14
N LYS A 135 -12.72 11.75 1.48
CA LYS A 135 -12.82 12.87 0.52
C LYS A 135 -11.57 12.90 -0.35
N SER A 136 -11.46 11.90 -1.23
CA SER A 136 -10.21 11.71 -1.93
C SER A 136 -10.40 10.95 -3.24
N ARG A 137 -9.52 11.23 -4.20
CA ARG A 137 -9.46 10.42 -5.41
C ARG A 137 -9.23 8.95 -5.02
N TRP A 138 -8.36 8.72 -4.05
CA TRP A 138 -8.07 7.38 -3.56
C TRP A 138 -9.35 6.61 -3.24
N TYR A 139 -10.19 7.20 -2.40
CA TYR A 139 -11.43 6.54 -2.02
C TYR A 139 -12.34 6.31 -3.24
N ASN A 140 -12.50 7.34 -4.07
CA ASN A 140 -13.42 7.24 -5.20
C ASN A 140 -12.98 6.20 -6.22
N GLN A 141 -11.67 6.03 -6.41
CA GLN A 141 -11.17 5.09 -7.41
C GLN A 141 -11.12 3.66 -6.90
N THR A 142 -10.79 3.48 -5.62
CA THR A 142 -10.77 2.15 -5.02
C THR A 142 -11.59 2.13 -3.74
N PRO A 143 -12.92 2.28 -3.85
CA PRO A 143 -13.73 2.45 -2.63
C PRO A 143 -13.80 1.24 -1.72
N ASN A 144 -13.88 0.02 -2.26
CA ASN A 144 -13.98 -1.09 -1.35
CA ASN A 144 -13.95 -1.20 -1.44
C ASN A 144 -12.72 -1.30 -0.53
N ARG A 145 -11.55 -1.13 -1.16
CA ARG A 145 -10.30 -1.22 -0.42
C ARG A 145 -10.11 -0.04 0.54
N ALA A 146 -10.42 1.16 0.07
CA ALA A 146 -10.29 2.35 0.91
C ALA A 146 -11.20 2.24 2.13
N LYS A 147 -12.42 1.72 1.96
CA LYS A 147 -13.34 1.54 3.10
C LYS A 147 -12.71 0.64 4.16
N ARG A 148 -12.03 -0.42 3.73
CA ARG A 148 -11.37 -1.34 4.68
C ARG A 148 -10.25 -0.63 5.43
N VAL A 149 -9.42 0.10 4.68
CA VAL A 149 -8.29 0.80 5.27
C VAL A 149 -8.80 1.89 6.23
N ILE A 150 -9.82 2.61 5.80
CA ILE A 150 -10.41 3.67 6.64
C ILE A 150 -11.03 3.11 7.93
N THR A 151 -11.75 1.98 7.82
CA THR A 151 -12.30 1.35 9.02
C THR A 151 -11.18 0.97 9.99
N THR A 152 -10.04 0.55 9.46
CA THR A 152 -8.88 0.20 10.28
C THR A 152 -8.32 1.44 11.00
N PHE A 153 -8.22 2.55 10.27
CA PHE A 153 -7.86 3.84 10.88
C PHE A 153 -8.89 4.30 11.91
N ARG A 154 -10.18 4.07 11.65
CA ARG A 154 -11.22 4.57 12.53
CA ARG A 154 -11.24 4.57 12.53
C ARG A 154 -11.26 3.81 13.85
N THR A 155 -11.10 2.48 13.77
CA THR A 155 -11.35 1.60 14.91
C THR A 155 -10.12 1.02 15.59
N GLY A 156 -9.00 0.97 14.88
CA GLY A 156 -7.81 0.30 15.43
C GLY A 156 -8.06 -1.20 15.64
N THR A 157 -8.99 -1.76 14.89
CA THR A 157 -9.24 -3.20 14.89
C THR A 157 -9.12 -3.73 13.47
N TRP A 158 -9.13 -5.06 13.35
CA TRP A 158 -9.08 -5.74 12.07
C TRP A 158 -10.46 -6.13 11.55
N ASP A 159 -11.51 -5.48 12.06
CA ASP A 159 -12.88 -5.85 11.72
C ASP A 159 -13.18 -5.88 10.22
N ALA A 160 -12.53 -5.00 9.46
CA ALA A 160 -12.80 -4.92 8.01
C ALA A 160 -12.14 -6.04 7.22
N TYR A 161 -11.25 -6.80 7.86
CA TYR A 161 -10.53 -7.88 7.16
C TYR A 161 -10.97 -9.26 7.64
N LYS A 162 -12.08 -9.27 8.37
CA LYS A 162 -12.53 -10.39 9.22
C LYS A 162 -11.40 -10.97 10.07
#